data_4HDQ
#
_entry.id   4HDQ
#
_cell.length_a   57.310
_cell.length_b   77.410
_cell.length_c   58.570
_cell.angle_alpha   90.00
_cell.angle_beta   95.56
_cell.angle_gamma   90.00
#
_symmetry.space_group_name_H-M   'P 1 21 1'
#
loop_
_entity.id
_entity.type
_entity.pdbx_description
1 polymer 'Krev interaction trapped protein 1'
2 polymer 'Ras-related protein Rap-1b'
3 polymer 'Protein HEG homolog 1'
4 non-polymer GLYCEROL
5 non-polymer 'MAGNESIUM ION'
6 non-polymer 'PHOSPHOAMINOPHOSPHONIC ACID-GUANYLATE ESTER'
7 water water
#
loop_
_entity_poly.entity_id
_entity_poly.type
_entity_poly.pdbx_seq_one_letter_code
_entity_poly.pdbx_strand_id
1 'polypeptide(L)'
;GAKPYEKVRIYRMDGSYRSVELKHGNNTTVQQIMEGMRLSQETQQYFTIWICSENLSLQLKPYHKPLQHVRDWPEILAEL
TNLDPQRETPQLFLRRDVRLPLEVEKQIEDPLAILILFDEARYNLLKGFYTAPDAKLITLASLLLQIVYGNYESKKHKQG
FLNEENLKSIVPVTKLKSKAPHWTNRILHEYKNLSTSEGVSKEMHHLQRMFLQNCWEIPTYGAAFFTGQIFTKASPSNHK
VIPVYVGVNIKGLHLLNMETKALLISLKYGCFMWQLGDTDTCFQIHSMENKMSFIVHTKQAGLVVKLLMKLNGQLMPTER
NS
;
A
2 'polypeptide(L)'
;MREYKLVVLGSGGVGKSALTVQFVQGIFVEKYDPTIEDSYRKQVEVDAQQCMLEILDTAGTEQFTAMRDLYMKNGQGFAL
VYSITAQSTFNDLQDLREQILRVKDTDDVPMILVGNKCDLEDERVVGKEQGQNLARQWNNCAFLESSAKSKINVNEIFYD
LVRQINR
;
B
3 'polypeptide(L)' SRHSCIFPGQYNPSFISDESRRRDYF C
#
# COMPACT_ATOMS: atom_id res chain seq x y z
N TYR A 5 8.49 -24.96 5.58
CA TYR A 5 7.38 -24.03 5.94
C TYR A 5 6.52 -23.67 4.72
N GLU A 6 5.25 -23.47 4.96
CA GLU A 6 4.40 -22.90 3.93
C GLU A 6 4.59 -21.44 4.18
N LYS A 7 4.32 -20.64 3.19
CA LYS A 7 4.38 -19.18 3.41
C LYS A 7 3.18 -18.60 2.72
N VAL A 8 2.85 -17.39 3.10
CA VAL A 8 1.76 -16.68 2.41
C VAL A 8 2.23 -15.26 2.19
N ARG A 9 1.75 -14.64 1.12
CA ARG A 9 2.02 -13.20 0.89
C ARG A 9 0.93 -12.39 1.55
N ILE A 10 1.37 -11.42 2.33
CA ILE A 10 0.44 -10.43 2.87
C ILE A 10 0.67 -9.11 2.16
N TYR A 11 -0.29 -8.69 1.36
CA TYR A 11 -0.23 -7.50 0.54
C TYR A 11 -0.68 -6.27 1.26
N ARG A 12 -0.25 -5.12 0.73
CA ARG A 12 -0.86 -3.88 1.06
C ARG A 12 -1.47 -3.27 -0.18
N MET A 13 -2.20 -2.16 0.00
CA MET A 13 -3.03 -1.66 -1.09
C MET A 13 -2.22 -1.04 -2.20
N ASP A 14 -0.99 -0.61 -1.93
CA ASP A 14 -0.06 -0.24 -3.02
C ASP A 14 0.43 -1.43 -3.85
N GLY A 15 0.12 -2.68 -3.50
CA GLY A 15 0.60 -3.77 -4.38
C GLY A 15 1.88 -4.39 -3.86
N SER A 16 2.48 -3.81 -2.86
CA SER A 16 3.60 -4.45 -2.15
C SER A 16 3.14 -5.68 -1.35
N TYR A 17 4.09 -6.54 -0.96
CA TYR A 17 3.73 -7.62 -0.02
C TYR A 17 4.90 -8.04 0.79
N ARG A 18 4.58 -8.73 1.90
CA ARG A 18 5.55 -9.35 2.79
C ARG A 18 5.16 -10.80 2.91
N SER A 19 6.09 -11.72 2.68
CA SER A 19 5.80 -13.14 2.75
C SER A 19 5.99 -13.50 4.21
N VAL A 20 5.13 -14.35 4.75
CA VAL A 20 5.20 -14.69 6.19
C VAL A 20 5.12 -16.22 6.25
N GLU A 21 6.00 -16.81 7.06
CA GLU A 21 5.95 -18.22 7.36
C GLU A 21 4.69 -18.58 8.14
N LEU A 22 3.99 -19.60 7.69
CA LEU A 22 2.86 -20.24 8.37
C LEU A 22 3.33 -21.43 9.22
N LYS A 23 3.48 -21.19 10.52
CA LYS A 23 3.98 -22.21 11.47
C LYS A 23 3.01 -23.36 11.66
N HIS A 24 1.74 -23.17 11.37
CA HIS A 24 0.80 -24.30 11.45
C HIS A 24 0.06 -24.48 10.20
N GLY A 25 0.78 -24.30 9.07
CA GLY A 25 0.18 -24.41 7.74
C GLY A 25 -1.14 -23.67 7.70
N ASN A 26 -2.13 -24.26 7.02
CA ASN A 26 -3.46 -23.67 6.91
C ASN A 26 -4.29 -23.51 8.22
N ASN A 27 -3.73 -23.94 9.35
CA ASN A 27 -4.33 -23.71 10.69
C ASN A 27 -3.74 -22.49 11.43
N THR A 28 -2.79 -21.84 10.79
CA THR A 28 -2.20 -20.61 11.32
C THR A 28 -3.28 -19.53 11.40
N THR A 29 -3.31 -18.81 12.51
CA THR A 29 -4.29 -17.79 12.73
C THR A 29 -3.77 -16.39 12.28
N VAL A 30 -4.69 -15.45 12.25
CA VAL A 30 -4.35 -14.09 12.00
C VAL A 30 -3.39 -13.60 13.06
N GLN A 31 -3.62 -13.91 14.33
CA GLN A 31 -2.68 -13.37 15.35
C GLN A 31 -1.28 -13.92 15.08
N GLN A 32 -1.20 -15.15 14.65
CA GLN A 32 0.12 -15.74 14.43
C GLN A 32 0.76 -15.11 13.20
N ILE A 33 -0.05 -14.87 12.19
CA ILE A 33 0.44 -14.16 11.00
C ILE A 33 0.90 -12.84 11.39
N MET A 34 0.12 -12.10 12.21
CA MET A 34 0.54 -10.76 12.59
C MET A 34 1.90 -10.85 13.35
N GLU A 35 2.06 -11.89 14.17
CA GLU A 35 3.29 -12.01 14.97
C GLU A 35 4.48 -12.20 14.03
N GLY A 36 4.27 -12.96 12.96
CA GLY A 36 5.26 -13.15 11.93
C GLY A 36 5.46 -12.05 10.90
N MET A 37 4.90 -10.87 11.11
CA MET A 37 5.07 -9.76 10.17
C MET A 37 6.27 -8.99 10.70
N ARG A 38 6.70 -7.93 10.07
CA ARG A 38 7.98 -7.42 10.61
C ARG A 38 7.80 -6.39 11.73
N LEU A 39 6.70 -6.38 12.47
CA LEU A 39 6.24 -5.10 12.99
C LEU A 39 6.41 -5.00 14.48
N SER A 40 6.92 -3.87 14.95
CA SER A 40 6.82 -3.51 16.38
C SER A 40 5.40 -3.52 16.90
N GLN A 41 5.22 -3.54 18.21
CA GLN A 41 3.86 -3.36 18.80
C GLN A 41 3.24 -2.02 18.45
N GLU A 42 4.11 -1.02 18.42
CA GLU A 42 3.78 0.34 18.00
C GLU A 42 3.10 0.43 16.62
N THR A 43 3.71 -0.19 15.63
CA THR A 43 3.17 -0.14 14.27
C THR A 43 1.90 -1.01 14.18
N GLN A 44 1.92 -2.16 14.84
CA GLN A 44 0.92 -3.25 14.74
C GLN A 44 -0.47 -2.91 15.19
N GLN A 45 -0.58 -2.07 16.23
CA GLN A 45 -1.82 -1.79 16.97
C GLN A 45 -3.01 -1.35 16.07
N TYR A 46 -2.69 -0.77 14.93
CA TYR A 46 -3.65 -0.02 14.11
C TYR A 46 -4.28 -0.88 13.01
N PHE A 47 -3.76 -2.07 12.83
CA PHE A 47 -3.89 -2.82 11.54
C PHE A 47 -4.28 -4.21 11.86
N THR A 48 -4.91 -4.91 10.90
CA THR A 48 -5.13 -6.38 11.02
C THR A 48 -5.18 -6.97 9.63
N ILE A 49 -5.44 -8.29 9.53
CA ILE A 49 -5.42 -9.00 8.25
C ILE A 49 -6.83 -9.02 7.73
N TRP A 50 -7.01 -8.62 6.49
CA TRP A 50 -8.26 -8.72 5.76
C TRP A 50 -8.13 -9.73 4.61
N ILE A 51 -9.24 -10.31 4.19
CA ILE A 51 -9.34 -11.10 2.98
C ILE A 51 -10.19 -10.33 1.98
N CYS A 52 -9.59 -10.00 0.81
CA CYS A 52 -10.22 -9.21 -0.18
C CYS A 52 -10.04 -9.74 -1.62
N SER A 53 -11.12 -9.74 -2.39
CA SER A 53 -11.03 -9.95 -3.85
C SER A 53 -11.44 -8.63 -4.47
N GLU A 54 -11.72 -8.55 -5.78
CA GLU A 54 -11.99 -7.22 -6.44
C GLU A 54 -13.20 -6.48 -5.83
N ASN A 55 -14.27 -7.21 -5.59
CA ASN A 55 -15.53 -6.62 -5.12
C ASN A 55 -16.03 -7.11 -3.75
N LEU A 56 -15.22 -7.82 -2.99
CA LEU A 56 -15.57 -8.18 -1.63
C LEU A 56 -14.33 -8.10 -0.74
N SER A 57 -14.45 -7.28 0.32
CA SER A 57 -13.35 -7.06 1.34
C SER A 57 -13.88 -7.34 2.78
N LEU A 58 -13.25 -8.25 3.51
CA LEU A 58 -13.71 -8.62 4.83
C LEU A 58 -12.53 -8.53 5.81
N GLN A 59 -12.72 -7.88 6.96
CA GLN A 59 -11.75 -7.90 8.04
C GLN A 59 -11.86 -9.22 8.85
N LEU A 60 -10.73 -9.89 9.01
CA LEU A 60 -10.71 -11.12 9.74
C LEU A 60 -10.59 -10.92 11.26
N LYS A 61 -11.04 -11.95 12.01
CA LYS A 61 -10.85 -12.04 13.49
C LYS A 61 -9.48 -12.58 13.77
N PRO A 62 -8.91 -12.26 14.93
CA PRO A 62 -7.59 -12.71 15.24
C PRO A 62 -7.44 -14.22 15.35
N TYR A 63 -8.57 -14.90 15.62
CA TYR A 63 -8.60 -16.37 15.76
C TYR A 63 -8.96 -17.09 14.44
N HIS A 64 -9.23 -16.29 13.42
CA HIS A 64 -9.48 -16.84 12.12
C HIS A 64 -8.24 -17.43 11.52
N LYS A 65 -8.46 -18.40 10.67
CA LYS A 65 -7.44 -19.13 9.92
C LYS A 65 -7.55 -18.72 8.48
N PRO A 66 -6.72 -17.76 8.06
CA PRO A 66 -7.04 -17.10 6.80
C PRO A 66 -6.95 -17.97 5.52
N LEU A 67 -6.11 -18.98 5.55
CA LEU A 67 -5.91 -19.82 4.38
C LEU A 67 -7.15 -20.67 4.16
N GLN A 68 -7.92 -20.92 5.21
CA GLN A 68 -9.17 -21.62 5.09
C GLN A 68 -10.26 -20.75 4.51
N HIS A 69 -10.19 -19.44 4.73
CA HIS A 69 -11.20 -18.53 4.12
C HIS A 69 -10.85 -18.34 2.66
N VAL A 70 -9.52 -18.35 2.33
CA VAL A 70 -9.08 -18.32 0.93
C VAL A 70 -9.58 -19.56 0.21
N ARG A 71 -9.33 -20.70 0.83
CA ARG A 71 -9.86 -22.00 0.39
C ARG A 71 -11.36 -21.98 0.20
N ASP A 72 -12.13 -21.32 1.08
CA ASP A 72 -13.62 -21.35 1.05
C ASP A 72 -14.24 -20.11 0.38
N TRP A 73 -13.42 -19.34 -0.33
CA TRP A 73 -13.90 -18.07 -0.88
C TRP A 73 -15.14 -18.20 -1.69
N PRO A 74 -15.23 -19.27 -2.53
CA PRO A 74 -16.50 -19.50 -3.26
C PRO A 74 -17.76 -19.63 -2.39
N GLU A 75 -17.71 -20.36 -1.28
CA GLU A 75 -18.90 -20.45 -0.39
C GLU A 75 -19.17 -19.04 0.19
N ILE A 76 -18.09 -18.33 0.54
CA ILE A 76 -18.24 -17.02 1.21
C ILE A 76 -18.92 -16.05 0.25
N LEU A 77 -18.43 -15.99 -0.96
CA LEU A 77 -19.02 -15.16 -1.98
C LEU A 77 -20.51 -15.40 -2.15
N ALA A 78 -20.90 -16.67 -2.10
CA ALA A 78 -22.31 -17.03 -2.46
C ALA A 78 -23.23 -16.81 -1.23
N GLU A 79 -22.64 -16.94 -0.02
CA GLU A 79 -23.31 -16.58 1.26
C GLU A 79 -23.51 -15.03 1.35
N LEU A 80 -22.58 -14.22 0.84
CA LEU A 80 -22.62 -12.75 1.11
C LEU A 80 -22.91 -11.91 -0.05
N THR A 81 -22.77 -12.46 -1.25
CA THR A 81 -22.96 -11.63 -2.44
C THR A 81 -23.66 -12.42 -3.57
N ASN A 82 -23.80 -11.77 -4.70
CA ASN A 82 -24.17 -12.42 -5.97
C ASN A 82 -23.09 -12.31 -7.03
N LEU A 83 -21.83 -12.15 -6.64
CA LEU A 83 -20.74 -11.95 -7.62
C LEU A 83 -20.37 -13.30 -8.23
N ASP A 84 -19.78 -13.23 -9.41
CA ASP A 84 -19.23 -14.39 -10.08
C ASP A 84 -17.83 -14.70 -9.53
N PRO A 85 -17.65 -15.87 -8.90
CA PRO A 85 -16.39 -16.26 -8.29
C PRO A 85 -15.25 -16.30 -9.28
N GLN A 86 -15.53 -16.75 -10.49
CA GLN A 86 -14.54 -16.75 -11.55
C GLN A 86 -13.89 -15.40 -11.75
N ARG A 87 -14.47 -14.32 -11.24
CA ARG A 87 -13.93 -12.98 -11.44
C ARG A 87 -13.31 -12.39 -10.16
N GLU A 88 -13.32 -13.18 -9.10
CA GLU A 88 -12.93 -12.72 -7.76
C GLU A 88 -11.85 -13.68 -7.23
N THR A 89 -10.60 -13.25 -7.29
CA THR A 89 -9.53 -14.01 -6.66
C THR A 89 -9.16 -13.29 -5.36
N PRO A 90 -9.15 -13.99 -4.25
CA PRO A 90 -8.85 -13.32 -2.98
C PRO A 90 -7.37 -13.30 -2.69
N GLN A 91 -6.94 -12.28 -1.96
CA GLN A 91 -5.60 -12.28 -1.38
C GLN A 91 -5.75 -11.80 0.07
N LEU A 92 -4.73 -12.02 0.87
CA LEU A 92 -4.68 -11.48 2.20
C LEU A 92 -3.94 -10.11 2.18
N PHE A 93 -4.50 -9.16 2.93
CA PHE A 93 -3.98 -7.80 3.06
C PHE A 93 -3.81 -7.40 4.54
N LEU A 94 -2.86 -6.51 4.78
CA LEU A 94 -2.71 -5.77 6.01
C LEU A 94 -3.34 -4.47 5.75
N ARG A 95 -4.36 -4.12 6.55
CA ARG A 95 -5.12 -2.94 6.37
C ARG A 95 -5.49 -2.33 7.70
N ARG A 96 -5.90 -1.06 7.66
CA ARG A 96 -6.44 -0.42 8.82
C ARG A 96 -7.55 -1.29 9.46
N ASP A 97 -7.43 -1.47 10.80
CA ASP A 97 -8.52 -2.04 11.61
C ASP A 97 -9.69 -1.09 11.61
N VAL A 98 -10.82 -1.58 11.18
CA VAL A 98 -11.98 -0.75 11.06
C VAL A 98 -12.45 -0.23 12.43
N ARG A 99 -12.13 -0.96 13.48
CA ARG A 99 -12.50 -0.47 14.82
C ARG A 99 -11.53 0.59 15.40
N LEU A 100 -10.45 0.91 14.67
CA LEU A 100 -9.44 1.89 15.22
C LEU A 100 -10.10 3.27 15.44
N PRO A 101 -10.10 3.77 16.72
CA PRO A 101 -10.75 5.07 16.98
C PRO A 101 -10.00 6.18 16.30
N LEU A 102 -10.70 7.16 15.79
CA LEU A 102 -10.05 8.22 15.07
C LEU A 102 -9.14 9.02 16.05
N GLU A 103 -9.53 9.02 17.33
CA GLU A 103 -8.79 9.74 18.34
C GLU A 103 -7.45 9.14 18.60
N VAL A 104 -7.37 7.81 18.51
CA VAL A 104 -6.16 7.08 18.65
C VAL A 104 -5.29 7.24 17.40
N GLU A 105 -5.91 7.16 16.22
CA GLU A 105 -5.15 7.37 14.98
C GLU A 105 -4.50 8.73 14.93
N LYS A 106 -5.27 9.78 15.30
CA LYS A 106 -4.74 11.17 15.31
C LYS A 106 -3.46 11.45 16.11
N GLN A 107 -3.10 10.61 17.04
CA GLN A 107 -1.88 10.87 17.80
C GLN A 107 -0.72 9.92 17.38
N ILE A 108 -0.89 9.28 16.22
CA ILE A 108 0.20 8.41 15.86
C ILE A 108 1.35 9.26 15.30
N GLU A 109 2.52 8.80 15.68
CA GLU A 109 3.77 9.38 15.22
C GLU A 109 4.72 8.32 14.59
N ASP A 110 4.51 7.02 14.75
CA ASP A 110 5.33 6.02 14.14
C ASP A 110 5.38 6.15 12.56
N PRO A 111 6.59 6.36 12.00
CA PRO A 111 6.64 6.58 10.56
C PRO A 111 6.09 5.40 9.70
N LEU A 112 6.33 4.17 10.11
CA LEU A 112 5.84 3.02 9.32
C LEU A 112 4.32 2.92 9.39
N ALA A 113 3.73 3.14 10.56
CA ALA A 113 2.28 3.10 10.70
C ALA A 113 1.70 4.23 9.84
N ILE A 114 2.34 5.37 9.82
CA ILE A 114 1.86 6.51 9.07
C ILE A 114 1.91 6.19 7.56
N LEU A 115 2.99 5.59 7.06
CA LEU A 115 3.02 5.34 5.62
C LEU A 115 2.00 4.26 5.19
N ILE A 116 1.76 3.27 6.04
CA ILE A 116 0.77 2.20 5.74
C ILE A 116 -0.66 2.82 5.67
N LEU A 117 -0.97 3.66 6.64
CA LEU A 117 -2.24 4.37 6.64
C LEU A 117 -2.35 5.31 5.49
N PHE A 118 -1.25 6.00 5.14
CA PHE A 118 -1.23 6.90 4.01
C PHE A 118 -1.52 6.20 2.63
N ASP A 119 -0.84 5.09 2.39
CA ASP A 119 -1.03 4.23 1.22
C ASP A 119 -2.47 3.78 1.12
N GLU A 120 -3.08 3.37 2.23
CA GLU A 120 -4.49 2.95 2.21
C GLU A 120 -5.42 4.10 1.91
N ALA A 121 -5.21 5.24 2.54
CA ALA A 121 -5.99 6.45 2.30
C ALA A 121 -5.86 6.95 0.84
N ARG A 122 -4.65 6.93 0.29
CA ARG A 122 -4.43 7.25 -1.10
C ARG A 122 -5.22 6.34 -2.05
N TYR A 123 -5.17 5.04 -1.75
CA TYR A 123 -5.89 4.04 -2.52
C TYR A 123 -7.39 4.36 -2.55
N ASN A 124 -7.98 4.64 -1.40
CA ASN A 124 -9.43 4.96 -1.36
C ASN A 124 -9.78 6.29 -2.12
N LEU A 125 -8.91 7.27 -1.96
CA LEU A 125 -9.06 8.57 -2.68
C LEU A 125 -9.12 8.38 -4.19
N LEU A 126 -8.18 7.60 -4.71
CA LEU A 126 -8.04 7.38 -6.17
C LEU A 126 -9.15 6.56 -6.75
N LYS A 127 -9.68 5.63 -5.95
CA LYS A 127 -10.83 4.82 -6.32
C LYS A 127 -12.11 5.65 -6.25
N GLY A 128 -12.11 6.83 -5.64
CA GLY A 128 -13.34 7.59 -5.51
C GLY A 128 -14.20 7.46 -4.30
N PHE A 129 -13.70 6.78 -3.26
CA PHE A 129 -14.48 6.49 -2.06
C PHE A 129 -14.52 7.58 -1.03
N TYR A 130 -13.76 8.65 -1.23
CA TYR A 130 -13.78 9.82 -0.36
C TYR A 130 -14.53 10.97 -0.98
N THR A 131 -15.62 11.43 -0.40
CA THR A 131 -16.32 12.54 -1.01
C THR A 131 -15.88 13.80 -0.31
N ALA A 132 -15.51 14.81 -1.08
CA ALA A 132 -15.05 16.02 -0.50
C ALA A 132 -15.24 17.12 -1.48
N PRO A 133 -15.25 18.37 -1.01
CA PRO A 133 -15.32 19.47 -2.00
C PRO A 133 -13.98 19.61 -2.80
N ASP A 134 -14.10 20.25 -3.94
CA ASP A 134 -13.00 20.34 -4.86
C ASP A 134 -11.77 20.95 -4.13
N ALA A 135 -11.97 21.99 -3.32
CA ALA A 135 -10.81 22.58 -2.66
C ALA A 135 -10.01 21.53 -1.86
N LYS A 136 -10.70 20.61 -1.17
CA LYS A 136 -10.03 19.57 -0.38
C LYS A 136 -9.30 18.53 -1.27
N LEU A 137 -9.96 18.07 -2.31
CA LEU A 137 -9.35 17.20 -3.28
C LEU A 137 -8.11 17.84 -3.96
N ILE A 138 -8.15 19.15 -4.19
CA ILE A 138 -7.06 19.87 -4.75
C ILE A 138 -5.91 19.91 -3.77
N THR A 139 -6.16 20.18 -2.48
CA THR A 139 -5.17 20.16 -1.42
C THR A 139 -4.53 18.74 -1.29
N LEU A 140 -5.32 17.69 -1.41
CA LEU A 140 -4.77 16.32 -1.26
C LEU A 140 -3.91 16.02 -2.51
N ALA A 141 -4.38 16.42 -3.67
CA ALA A 141 -3.57 16.35 -4.91
C ALA A 141 -2.22 17.01 -4.79
N SER A 142 -2.21 18.22 -4.27
CA SER A 142 -0.95 18.98 -4.08
C SER A 142 -0.04 18.28 -3.09
N LEU A 143 -0.57 17.71 -2.01
CA LEU A 143 0.28 16.91 -1.09
C LEU A 143 0.88 15.64 -1.76
N LEU A 144 0.10 14.99 -2.61
CA LEU A 144 0.63 13.81 -3.29
C LEU A 144 1.77 14.24 -4.24
N LEU A 145 1.68 15.42 -4.85
CA LEU A 145 2.73 15.86 -5.73
C LEU A 145 3.99 16.07 -4.94
N GLN A 146 3.94 16.71 -3.78
CA GLN A 146 5.11 16.84 -2.94
C GLN A 146 5.66 15.51 -2.44
N ILE A 147 4.78 14.60 -2.07
CA ILE A 147 5.19 13.30 -1.53
C ILE A 147 5.87 12.48 -2.60
N VAL A 148 5.25 12.40 -3.79
CA VAL A 148 5.66 11.52 -4.84
C VAL A 148 6.64 12.18 -5.79
N TYR A 149 6.46 13.46 -6.12
CA TYR A 149 7.35 14.14 -7.07
C TYR A 149 8.39 15.04 -6.45
N GLY A 150 8.35 15.28 -5.12
CA GLY A 150 9.33 16.11 -4.44
C GLY A 150 9.08 17.58 -4.74
N ASN A 151 10.06 18.44 -4.42
CA ASN A 151 9.92 19.92 -4.64
C ASN A 151 9.43 20.41 -6.02
N TYR A 152 8.50 21.37 -6.00
CA TYR A 152 8.02 21.99 -7.22
C TYR A 152 9.22 22.69 -7.93
N GLU A 153 9.13 22.82 -9.27
CA GLU A 153 10.14 23.50 -10.14
C GLU A 153 9.47 23.91 -11.44
N SER A 154 9.58 25.20 -11.78
CA SER A 154 8.82 25.75 -12.89
C SER A 154 9.17 25.11 -14.23
N LYS A 155 10.47 24.88 -14.49
CA LYS A 155 10.84 24.29 -15.78
C LYS A 155 10.13 22.95 -16.01
N LYS A 156 9.94 22.17 -14.95
CA LYS A 156 9.38 20.81 -15.07
C LYS A 156 7.86 20.75 -14.92
N HIS A 157 7.31 21.56 -14.02
CA HIS A 157 5.93 21.38 -13.55
C HIS A 157 4.87 22.30 -14.17
N LYS A 158 5.24 23.51 -14.58
CA LYS A 158 4.28 24.52 -15.11
C LYS A 158 3.44 24.13 -16.35
N GLN A 159 3.97 23.34 -17.29
CA GLN A 159 3.33 23.16 -18.62
C GLN A 159 3.46 21.74 -19.16
N GLY A 160 2.37 21.16 -19.65
CA GLY A 160 2.42 19.81 -20.21
C GLY A 160 2.76 18.69 -19.20
N PHE A 161 2.86 19.06 -17.93
CA PHE A 161 3.18 18.12 -16.82
C PHE A 161 1.93 17.39 -16.29
N LEU A 162 0.93 18.15 -15.81
CA LEU A 162 -0.34 17.54 -15.37
C LEU A 162 -1.22 17.11 -16.54
N ASN A 163 -0.82 16.07 -17.22
CA ASN A 163 -1.64 15.41 -18.25
C ASN A 163 -2.57 14.40 -17.57
N GLU A 164 -3.19 13.55 -18.39
CA GLU A 164 -4.02 12.46 -17.90
C GLU A 164 -3.22 11.56 -16.97
N GLU A 165 -2.29 10.82 -17.56
CA GLU A 165 -1.58 9.82 -16.81
C GLU A 165 -1.19 10.33 -15.42
N ASN A 166 -0.60 11.52 -15.35
CA ASN A 166 -0.18 12.11 -14.08
C ASN A 166 -1.29 12.52 -13.10
N LEU A 167 -2.34 13.14 -13.62
CA LEU A 167 -3.52 13.46 -12.82
C LEU A 167 -4.09 12.17 -12.24
N LYS A 168 -4.04 11.07 -12.98
CA LYS A 168 -4.58 9.78 -12.50
C LYS A 168 -4.03 9.29 -11.16
N SER A 169 -2.80 9.66 -10.84
CA SER A 169 -2.19 9.23 -9.61
C SER A 169 -2.48 10.21 -8.47
N ILE A 170 -3.15 11.35 -8.74
CA ILE A 170 -3.37 12.36 -7.69
C ILE A 170 -4.83 12.80 -7.44
N VAL A 171 -5.76 12.43 -8.31
CA VAL A 171 -7.17 12.76 -8.12
C VAL A 171 -8.04 11.52 -8.23
N PRO A 172 -9.28 11.59 -7.72
CA PRO A 172 -10.14 10.44 -7.79
C PRO A 172 -10.49 10.17 -9.22
N VAL A 173 -10.53 8.91 -9.59
CA VAL A 173 -10.83 8.50 -10.95
C VAL A 173 -12.20 9.10 -11.41
N THR A 174 -13.10 9.30 -10.46
CA THR A 174 -14.42 9.85 -10.74
C THR A 174 -14.42 11.34 -11.17
N LYS A 175 -13.28 12.02 -11.00
CA LYS A 175 -13.11 13.42 -11.32
C LYS A 175 -12.13 13.66 -12.45
N LEU A 176 -11.56 12.57 -12.96
CA LEU A 176 -10.38 12.63 -13.89
C LEU A 176 -10.78 13.27 -15.21
N LYS A 177 -11.80 12.67 -15.84
CA LYS A 177 -12.43 13.15 -17.08
C LYS A 177 -12.95 14.55 -16.95
N SER A 178 -13.98 14.71 -16.13
CA SER A 178 -14.82 15.88 -16.14
C SER A 178 -14.20 17.07 -15.42
N LYS A 179 -13.85 16.85 -14.16
CA LYS A 179 -13.59 17.97 -13.26
C LYS A 179 -12.10 18.29 -13.23
N ALA A 180 -11.27 17.23 -13.28
CA ALA A 180 -9.85 17.32 -12.93
C ALA A 180 -9.08 18.31 -13.82
N PRO A 181 -9.15 18.16 -15.18
CA PRO A 181 -8.51 19.07 -16.14
C PRO A 181 -8.54 20.53 -15.75
N HIS A 182 -9.59 20.99 -15.06
CA HIS A 182 -9.74 22.40 -14.74
C HIS A 182 -9.08 22.80 -13.43
N TRP A 183 -8.59 21.80 -12.68
CA TRP A 183 -8.00 22.02 -11.39
C TRP A 183 -6.53 22.22 -11.52
N THR A 184 -6.00 21.85 -12.67
CA THR A 184 -4.56 21.87 -12.87
C THR A 184 -3.85 23.11 -12.29
N ASN A 185 -4.39 24.31 -12.52
CA ASN A 185 -3.64 25.52 -12.07
C ASN A 185 -3.66 25.69 -10.56
N ARG A 186 -4.81 25.42 -9.96
CA ARG A 186 -4.91 25.57 -8.52
C ARG A 186 -4.07 24.48 -7.83
N ILE A 187 -4.01 23.28 -8.41
CA ILE A 187 -3.14 22.18 -7.86
C ILE A 187 -1.68 22.65 -7.82
N LEU A 188 -1.21 23.08 -9.01
CA LEU A 188 0.16 23.61 -9.16
C LEU A 188 0.46 24.72 -8.18
N HIS A 189 -0.46 25.67 -8.06
CA HIS A 189 -0.27 26.80 -7.15
C HIS A 189 -0.11 26.30 -5.76
N GLU A 190 -1.06 25.46 -5.33
CA GLU A 190 -0.91 24.84 -3.99
C GLU A 190 0.38 24.06 -3.83
N TYR A 191 0.80 23.35 -4.87
CA TYR A 191 2.07 22.57 -4.81
C TYR A 191 3.29 23.50 -4.65
N LYS A 192 3.28 24.55 -5.46
CA LYS A 192 4.32 25.55 -5.40
C LYS A 192 4.44 25.99 -3.99
N ASN A 193 3.29 26.35 -3.43
CA ASN A 193 3.22 26.88 -2.07
C ASN A 193 3.75 25.96 -0.99
N LEU A 194 3.51 24.64 -1.14
CA LEU A 194 4.03 23.66 -0.18
C LEU A 194 5.54 23.64 -0.17
N SER A 195 6.09 23.56 -1.38
CA SER A 195 7.55 23.59 -1.58
C SER A 195 8.18 24.91 -1.11
N THR A 196 7.65 26.03 -1.63
CA THR A 196 8.21 27.37 -1.31
C THR A 196 8.09 27.76 0.18
N SER A 197 7.11 27.18 0.87
CA SER A 197 6.82 27.48 2.27
C SER A 197 7.73 26.67 3.21
N GLU A 198 8.80 27.26 3.76
CA GLU A 198 9.70 26.46 4.61
C GLU A 198 9.11 26.14 6.04
N GLY A 199 8.00 26.80 6.41
CA GLY A 199 7.18 26.42 7.57
C GLY A 199 6.63 24.97 7.53
N VAL A 200 6.47 24.45 6.31
CA VAL A 200 5.89 23.10 6.05
C VAL A 200 6.99 22.05 6.01
N SER A 201 6.97 21.09 6.96
CA SER A 201 8.04 20.08 7.05
C SER A 201 7.99 19.20 5.86
N LYS A 202 9.17 18.88 5.31
CA LYS A 202 9.23 18.04 4.12
C LYS A 202 9.69 16.64 4.44
N GLU A 203 9.83 16.31 5.73
CA GLU A 203 10.08 14.92 6.13
C GLU A 203 8.90 14.09 5.62
N MET A 204 9.18 12.90 5.16
CA MET A 204 8.21 12.11 4.46
C MET A 204 6.99 11.89 5.37
N HIS A 205 7.21 11.40 6.58
CA HIS A 205 6.11 11.08 7.47
C HIS A 205 5.31 12.29 7.88
N HIS A 206 5.96 13.46 7.87
CA HIS A 206 5.23 14.67 8.13
C HIS A 206 4.30 15.00 7.03
N LEU A 207 4.74 14.95 5.81
CA LEU A 207 3.85 15.20 4.66
C LEU A 207 2.69 14.15 4.55
N GLN A 208 3.03 12.90 4.79
CA GLN A 208 2.03 11.81 4.78
C GLN A 208 1.02 12.05 5.87
N ARG A 209 1.47 12.48 7.05
CA ARG A 209 0.56 12.80 8.13
C ARG A 209 -0.36 13.94 7.76
N MET A 210 0.16 14.88 6.98
CA MET A 210 -0.62 16.04 6.57
C MET A 210 -1.69 15.61 5.63
N PHE A 211 -1.37 14.67 4.73
CA PHE A 211 -2.36 14.12 3.83
C PHE A 211 -3.47 13.44 4.68
N LEU A 212 -3.05 12.64 5.64
CA LEU A 212 -3.99 11.95 6.57
C LEU A 212 -4.92 12.94 7.36
N GLN A 213 -4.35 14.04 7.84
CA GLN A 213 -5.11 15.07 8.47
C GLN A 213 -6.23 15.55 7.59
N ASN A 214 -5.97 15.73 6.33
CA ASN A 214 -6.94 16.18 5.37
C ASN A 214 -7.93 15.07 5.02
N CYS A 215 -7.56 13.79 5.18
CA CYS A 215 -8.57 12.70 5.00
C CYS A 215 -9.50 12.47 6.24
N TRP A 216 -8.99 12.68 7.46
CA TRP A 216 -9.67 12.37 8.74
C TRP A 216 -10.99 13.08 8.83
N GLU A 217 -11.11 14.24 8.16
CA GLU A 217 -12.39 14.95 8.28
CA GLU A 217 -12.31 15.13 8.06
C GLU A 217 -13.39 14.54 7.17
N ILE A 218 -13.02 13.63 6.29
CA ILE A 218 -13.90 13.12 5.27
C ILE A 218 -14.83 12.10 5.90
N PRO A 219 -16.14 12.16 5.53
CA PRO A 219 -17.06 11.34 6.33
C PRO A 219 -16.91 9.81 6.15
N THR A 220 -16.52 9.31 4.97
CA THR A 220 -16.25 7.91 4.77
C THR A 220 -14.84 7.48 5.22
N TYR A 221 -14.05 8.34 5.89
CA TYR A 221 -12.65 7.92 6.23
C TYR A 221 -12.66 6.66 7.08
N GLY A 222 -11.88 5.65 6.68
CA GLY A 222 -11.76 4.44 7.44
C GLY A 222 -12.90 3.47 7.32
N ALA A 223 -13.77 3.64 6.32
CA ALA A 223 -15.01 2.85 6.23
C ALA A 223 -14.70 1.47 5.71
N ALA A 224 -15.40 0.47 6.21
CA ALA A 224 -15.53 -0.79 5.51
C ALA A 224 -16.70 -0.59 4.56
N PHE A 225 -16.58 -1.05 3.32
CA PHE A 225 -17.67 -0.85 2.32
C PHE A 225 -18.30 -2.19 1.99
N PHE A 226 -19.62 -2.13 1.85
CA PHE A 226 -20.43 -3.25 1.55
C PHE A 226 -21.30 -2.85 0.33
N THR A 227 -21.82 -3.86 -0.37
CA THR A 227 -22.68 -3.61 -1.51
C THR A 227 -24.15 -3.97 -1.22
N GLY A 228 -25.05 -3.24 -1.83
CA GLY A 228 -26.45 -3.48 -1.63
C GLY A 228 -27.24 -2.74 -2.68
N GLN A 229 -28.54 -2.61 -2.40
CA GLN A 229 -29.48 -1.93 -3.31
C GLN A 229 -30.62 -1.36 -2.57
N ILE A 230 -31.06 -0.19 -3.02
CA ILE A 230 -32.25 0.38 -2.45
C ILE A 230 -33.26 0.45 -3.60
N PHE A 231 -34.54 0.56 -3.25
CA PHE A 231 -35.62 0.82 -4.21
C PHE A 231 -36.16 2.20 -3.97
N THR A 232 -36.23 3.02 -5.02
CA THR A 232 -36.75 4.37 -4.93
C THR A 232 -38.22 4.40 -4.66
N LYS A 233 -38.65 5.44 -3.94
CA LYS A 233 -40.03 5.70 -3.62
C LYS A 233 -40.45 6.92 -4.47
N ALA A 234 -40.59 6.73 -5.77
CA ALA A 234 -41.02 7.81 -6.68
C ALA A 234 -42.22 7.26 -7.46
N SER A 235 -41.92 6.13 -8.13
CA SER A 235 -42.79 4.95 -8.38
C SER A 235 -42.25 4.18 -9.62
N PRO A 236 -42.97 4.15 -10.76
CA PRO A 236 -42.67 3.08 -11.73
C PRO A 236 -41.99 1.79 -11.16
N SER A 237 -42.80 0.72 -11.06
CA SER A 237 -42.54 -0.54 -10.26
C SER A 237 -43.02 -0.46 -8.77
N ASN A 238 -42.11 -0.24 -7.82
CA ASN A 238 -42.40 0.57 -6.63
C ASN A 238 -41.16 0.64 -5.80
N HIS A 239 -40.00 0.94 -6.41
CA HIS A 239 -39.91 1.63 -7.72
C HIS A 239 -38.69 1.22 -8.57
N LYS A 240 -37.67 2.08 -8.70
CA LYS A 240 -36.43 1.76 -9.46
C LYS A 240 -35.30 1.25 -8.53
N VAL A 241 -34.51 0.26 -8.98
CA VAL A 241 -33.41 -0.35 -8.19
C VAL A 241 -32.18 0.58 -8.24
N ILE A 242 -31.66 1.02 -7.08
CA ILE A 242 -30.45 1.87 -7.04
C ILE A 242 -29.31 1.11 -6.36
N PRO A 243 -28.29 0.65 -7.13
CA PRO A 243 -27.23 -0.06 -6.42
C PRO A 243 -26.41 0.94 -5.60
N VAL A 244 -26.02 0.49 -4.42
CA VAL A 244 -25.32 1.39 -3.48
C VAL A 244 -24.12 0.68 -2.89
N TYR A 245 -23.14 1.50 -2.47
CA TYR A 245 -22.12 1.05 -1.51
C TYR A 245 -22.59 1.50 -0.17
N VAL A 246 -22.45 0.67 0.85
CA VAL A 246 -22.75 1.10 2.21
C VAL A 246 -21.40 1.20 2.90
N GLY A 247 -21.08 2.40 3.37
CA GLY A 247 -19.83 2.63 4.10
C GLY A 247 -20.14 2.64 5.59
N VAL A 248 -19.47 1.77 6.35
CA VAL A 248 -19.53 1.81 7.81
C VAL A 248 -18.14 2.10 8.43
N ASN A 249 -18.11 3.17 9.26
CA ASN A 249 -16.90 3.55 9.97
C ASN A 249 -17.21 4.02 11.35
N ILE A 250 -16.14 4.39 12.07
CA ILE A 250 -16.25 4.86 13.42
C ILE A 250 -17.05 6.14 13.56
N LYS A 251 -17.37 6.84 12.48
CA LYS A 251 -18.25 8.02 12.54
C LYS A 251 -19.76 7.72 12.38
N GLY A 252 -20.09 6.68 11.58
CA GLY A 252 -21.45 6.32 11.27
C GLY A 252 -21.57 5.52 9.99
N LEU A 253 -22.68 5.76 9.31
CA LEU A 253 -23.14 5.08 8.11
C LEU A 253 -23.29 6.02 6.95
N HIS A 254 -22.82 5.60 5.78
CA HIS A 254 -22.65 6.42 4.57
C HIS A 254 -23.10 5.59 3.36
N LEU A 255 -24.00 6.14 2.54
CA LEU A 255 -24.43 5.47 1.28
C LEU A 255 -23.87 6.19 0.05
N LEU A 256 -23.30 5.41 -0.82
CA LEU A 256 -22.80 5.94 -2.04
C LEU A 256 -23.52 5.29 -3.21
N ASN A 257 -23.87 6.10 -4.19
CA ASN A 257 -24.34 5.52 -5.47
C ASN A 257 -23.22 4.70 -6.02
N MET A 258 -23.50 3.44 -6.36
CA MET A 258 -22.52 2.49 -6.75
C MET A 258 -21.83 2.89 -8.04
N GLU A 259 -22.56 3.52 -8.94
CA GLU A 259 -22.00 3.76 -10.25
C GLU A 259 -21.15 5.03 -10.25
N THR A 260 -21.65 6.09 -9.65
CA THR A 260 -20.95 7.34 -9.70
C THR A 260 -20.15 7.59 -8.45
N LYS A 261 -20.29 6.75 -7.40
CA LYS A 261 -19.74 7.05 -6.03
C LYS A 261 -20.25 8.29 -5.37
N ALA A 262 -21.37 8.84 -5.85
CA ALA A 262 -21.85 10.10 -5.27
C ALA A 262 -22.38 9.79 -3.86
N LEU A 263 -22.14 10.66 -2.89
CA LEU A 263 -22.65 10.51 -1.51
C LEU A 263 -24.15 10.77 -1.50
N LEU A 264 -24.92 9.74 -1.15
CA LEU A 264 -26.38 9.82 -1.03
C LEU A 264 -26.81 10.32 0.36
N ILE A 265 -26.29 9.68 1.42
CA ILE A 265 -26.43 10.17 2.80
C ILE A 265 -25.29 9.71 3.62
N SER A 266 -25.09 10.50 4.64
CA SER A 266 -24.12 10.28 5.68
C SER A 266 -24.83 10.57 6.98
N LEU A 267 -24.80 9.61 7.89
CA LEU A 267 -25.51 9.68 9.16
C LEU A 267 -24.53 9.38 10.26
N LYS A 268 -24.46 10.27 11.25
CA LYS A 268 -23.59 10.04 12.42
C LYS A 268 -24.26 9.20 13.52
N TYR A 269 -23.46 8.41 14.19
CA TYR A 269 -23.95 7.61 15.29
C TYR A 269 -24.65 8.56 16.27
N GLY A 270 -25.77 8.10 16.82
CA GLY A 270 -26.64 8.94 17.60
C GLY A 270 -27.76 9.65 16.84
N CYS A 271 -27.69 9.73 15.52
CA CYS A 271 -28.69 10.43 14.70
C CYS A 271 -29.49 9.45 13.85
N PHE A 272 -29.36 8.15 14.10
CA PHE A 272 -30.14 7.15 13.33
C PHE A 272 -30.15 5.88 14.04
N MET A 273 -31.06 4.98 13.63
CA MET A 273 -31.23 3.71 14.25
C MET A 273 -31.39 2.73 13.09
N TRP A 274 -31.20 1.45 13.36
CA TRP A 274 -31.18 0.38 12.38
C TRP A 274 -31.93 -0.80 12.89
N GLN A 275 -32.47 -1.55 11.97
CA GLN A 275 -33.01 -2.83 12.35
C GLN A 275 -32.72 -3.84 11.23
N LEU A 276 -32.22 -4.99 11.60
CA LEU A 276 -31.96 -6.07 10.69
C LEU A 276 -33.29 -6.68 10.26
N GLY A 277 -33.49 -6.96 8.99
CA GLY A 277 -34.72 -7.64 8.53
C GLY A 277 -34.74 -9.10 8.98
N ASP A 278 -35.92 -9.72 8.92
CA ASP A 278 -36.16 -11.08 9.46
C ASP A 278 -35.35 -12.19 8.81
N THR A 279 -35.00 -12.00 7.54
CA THR A 279 -34.27 -13.01 6.77
C THR A 279 -32.78 -12.74 6.63
N ASP A 280 -32.29 -11.64 7.20
CA ASP A 280 -30.86 -11.28 7.12
C ASP A 280 -30.39 -10.88 5.72
N THR A 281 -31.34 -10.42 4.91
CA THR A 281 -31.09 -10.01 3.56
C THR A 281 -31.37 -8.56 3.37
N CYS A 282 -31.73 -7.84 4.44
CA CYS A 282 -31.87 -6.40 4.39
C CYS A 282 -31.74 -5.77 5.78
N PHE A 283 -31.57 -4.46 5.82
CA PHE A 283 -31.64 -3.70 7.07
C PHE A 283 -32.29 -2.38 6.79
N GLN A 284 -32.96 -1.85 7.82
CA GLN A 284 -33.64 -0.59 7.73
C GLN A 284 -32.94 0.43 8.54
N ILE A 285 -32.84 1.66 8.02
CA ILE A 285 -32.30 2.82 8.74
C ILE A 285 -33.45 3.81 8.95
N HIS A 286 -33.55 4.32 10.18
CA HIS A 286 -34.50 5.37 10.56
C HIS A 286 -33.67 6.55 10.90
N SER A 287 -33.77 7.61 10.10
CA SER A 287 -33.15 8.86 10.50
C SER A 287 -34.13 9.67 11.34
N MET A 288 -34.17 9.37 12.62
CA MET A 288 -34.82 10.27 13.56
C MET A 288 -33.96 11.55 13.49
N GLU A 289 -34.60 12.73 13.37
CA GLU A 289 -33.91 14.04 13.22
C GLU A 289 -33.88 14.45 11.74
N ASN A 290 -35.03 14.30 11.11
CA ASN A 290 -35.17 14.13 9.67
C ASN A 290 -36.37 13.24 9.35
N LYS A 291 -36.78 12.44 10.35
CA LYS A 291 -37.84 11.44 10.24
C LYS A 291 -38.08 11.00 8.79
N MET A 292 -37.01 10.41 8.22
CA MET A 292 -37.03 9.64 7.00
C MET A 292 -36.51 8.21 7.36
N SER A 293 -36.75 7.25 6.45
CA SER A 293 -36.30 5.87 6.63
C SER A 293 -35.99 5.20 5.27
N PHE A 294 -35.20 4.14 5.25
CA PHE A 294 -34.93 3.48 4.00
C PHE A 294 -34.41 2.10 4.30
N ILE A 295 -34.50 1.25 3.29
CA ILE A 295 -34.18 -0.15 3.47
C ILE A 295 -33.14 -0.49 2.42
N VAL A 296 -32.00 -1.01 2.90
CA VAL A 296 -30.99 -1.55 2.06
C VAL A 296 -31.03 -3.04 1.98
N HIS A 297 -31.11 -3.53 0.76
CA HIS A 297 -31.13 -4.95 0.51
C HIS A 297 -29.72 -5.46 0.23
N THR A 298 -29.30 -6.45 0.98
CA THR A 298 -27.98 -7.00 0.84
C THR A 298 -27.82 -8.20 1.65
N LYS A 299 -27.14 -9.19 1.09
CA LYS A 299 -26.78 -10.39 1.81
C LYS A 299 -25.68 -10.15 2.87
N GLN A 300 -25.11 -8.95 2.86
CA GLN A 300 -24.14 -8.52 3.90
C GLN A 300 -24.82 -7.79 5.04
N ALA A 301 -26.18 -7.83 5.09
CA ALA A 301 -26.96 -7.14 6.12
C ALA A 301 -26.52 -7.41 7.53
N GLY A 302 -26.40 -8.71 7.84
CA GLY A 302 -25.98 -9.17 9.17
C GLY A 302 -24.66 -8.60 9.56
N LEU A 303 -23.68 -8.72 8.67
CA LEU A 303 -22.40 -8.07 8.88
C LEU A 303 -22.48 -6.55 9.11
N VAL A 304 -23.20 -5.82 8.27
CA VAL A 304 -23.34 -4.38 8.40
C VAL A 304 -23.96 -4.05 9.78
N VAL A 305 -25.05 -4.75 10.14
CA VAL A 305 -25.69 -4.44 11.48
C VAL A 305 -24.82 -4.73 12.64
N LYS A 306 -24.05 -5.82 12.59
CA LYS A 306 -23.13 -6.13 13.70
C LYS A 306 -22.00 -5.15 13.81
N LEU A 307 -21.55 -4.65 12.67
CA LEU A 307 -20.55 -3.62 12.71
C LEU A 307 -21.06 -2.27 13.24
N LEU A 308 -22.26 -1.84 12.83
CA LEU A 308 -22.84 -0.63 13.36
C LEU A 308 -22.97 -0.72 14.85
N MET A 309 -23.36 -1.88 15.36
CA MET A 309 -23.52 -2.07 16.82
C MET A 309 -22.21 -1.91 17.51
N LYS A 310 -21.17 -2.58 16.99
CA LYS A 310 -19.86 -2.48 17.58
C LYS A 310 -19.29 -1.07 17.56
N LEU A 311 -19.36 -0.38 16.42
CA LEU A 311 -18.74 0.95 16.31
C LEU A 311 -19.57 2.05 17.02
N ASN A 312 -20.87 1.97 16.96
CA ASN A 312 -21.71 2.76 17.88
C ASN A 312 -21.39 2.44 19.39
N GLY A 313 -21.20 1.19 19.70
CA GLY A 313 -21.00 0.80 21.05
C GLY A 313 -19.72 1.28 21.66
N GLN A 314 -18.72 1.50 20.80
CA GLN A 314 -17.43 1.90 21.35
C GLN A 314 -17.31 3.42 21.47
N LEU A 315 -18.27 4.15 20.93
CA LEU A 315 -18.16 5.62 20.79
C LEU A 315 -18.63 6.36 22.02
N MET B 1 3.81 4.75 -17.68
CA MET B 1 5.06 4.84 -16.90
C MET B 1 5.66 3.44 -16.98
N ARG B 2 6.95 3.40 -17.31
CA ARG B 2 7.65 2.15 -17.42
C ARG B 2 7.76 1.59 -15.99
N GLU B 3 7.38 0.32 -15.85
CA GLU B 3 7.76 -0.49 -14.71
C GLU B 3 9.15 -1.07 -14.85
N TYR B 4 9.87 -1.13 -13.75
CA TYR B 4 11.17 -1.71 -13.70
C TYR B 4 11.22 -2.79 -12.59
N LYS B 5 11.51 -4.04 -12.96
CA LYS B 5 11.62 -5.13 -11.94
C LYS B 5 13.04 -5.26 -11.50
N LEU B 6 13.28 -4.84 -10.25
CA LEU B 6 14.60 -4.90 -9.69
C LEU B 6 14.68 -5.99 -8.59
N VAL B 7 15.85 -6.54 -8.40
CA VAL B 7 16.09 -7.64 -7.47
C VAL B 7 17.32 -7.32 -6.66
N VAL B 8 17.18 -7.39 -5.35
CA VAL B 8 18.28 -7.22 -4.41
C VAL B 8 18.73 -8.61 -3.88
N LEU B 9 19.99 -8.94 -4.16
CA LEU B 9 20.59 -10.27 -3.87
C LEU B 9 21.82 -10.07 -3.01
N GLY B 10 22.18 -11.11 -2.26
CA GLY B 10 23.40 -11.10 -1.47
C GLY B 10 23.17 -11.99 -0.26
N SER B 11 24.24 -12.30 0.50
CA SER B 11 24.14 -13.20 1.66
C SER B 11 23.44 -12.57 2.82
N GLY B 12 23.19 -13.42 3.80
CA GLY B 12 22.67 -13.02 5.11
C GLY B 12 23.33 -11.84 5.80
N GLY B 13 22.53 -10.86 6.23
CA GLY B 13 23.01 -9.84 7.14
C GLY B 13 23.67 -8.63 6.53
N VAL B 14 23.81 -8.57 5.20
CA VAL B 14 24.57 -7.45 4.52
C VAL B 14 23.83 -6.09 4.48
N GLY B 15 22.49 -6.10 4.56
CA GLY B 15 21.66 -4.88 4.49
C GLY B 15 20.78 -4.80 3.24
N LYS B 16 20.45 -5.92 2.60
CA LYS B 16 19.50 -5.89 1.47
C LYS B 16 18.18 -5.20 1.84
N SER B 17 17.63 -5.62 2.95
CA SER B 17 16.39 -5.06 3.49
C SER B 17 16.61 -3.64 3.98
N ALA B 18 17.66 -3.39 4.71
CA ALA B 18 17.85 -2.06 5.26
C ALA B 18 17.97 -1.05 4.08
N LEU B 19 18.66 -1.44 3.01
CA LEU B 19 18.83 -0.51 1.84
C LEU B 19 17.49 -0.26 1.13
N THR B 20 16.75 -1.32 0.91
CA THR B 20 15.48 -1.28 0.25
C THR B 20 14.48 -0.43 1.05
N VAL B 21 14.42 -0.63 2.36
CA VAL B 21 13.46 0.05 3.22
C VAL B 21 13.85 1.53 3.34
N GLN B 22 15.15 1.85 3.45
CA GLN B 22 15.57 3.22 3.39
C GLN B 22 15.20 3.90 2.10
N PHE B 23 15.47 3.25 0.95
CA PHE B 23 15.11 3.82 -0.32
C PHE B 23 13.62 4.06 -0.50
N VAL B 24 12.81 3.05 -0.15
CA VAL B 24 11.38 3.06 -0.39
C VAL B 24 10.64 3.86 0.70
N GLN B 25 10.99 3.69 1.95
CA GLN B 25 10.15 4.24 3.03
C GLN B 25 10.82 5.35 3.78
N GLY B 26 12.11 5.55 3.54
CA GLY B 26 12.92 6.50 4.30
C GLY B 26 13.12 6.17 5.78
N ILE B 27 13.16 4.89 6.17
CA ILE B 27 13.24 4.49 7.54
C ILE B 27 14.48 3.65 7.63
N PHE B 28 15.18 3.76 8.73
CA PHE B 28 16.27 2.78 8.96
C PHE B 28 16.01 1.62 9.96
N VAL B 29 15.89 0.39 9.38
CA VAL B 29 15.59 -0.81 10.14
C VAL B 29 16.85 -1.25 10.94
N GLU B 30 16.82 -1.01 12.25
CA GLU B 30 17.97 -1.20 13.14
C GLU B 30 18.13 -2.62 13.74
N LYS B 31 17.27 -3.55 13.36
CA LYS B 31 16.95 -4.76 14.11
C LYS B 31 17.12 -6.04 13.23
N TYR B 32 17.83 -7.03 13.75
CA TYR B 32 17.97 -8.34 13.09
C TYR B 32 16.59 -8.90 12.69
N ASP B 33 16.34 -9.10 11.40
CA ASP B 33 15.03 -9.58 10.97
C ASP B 33 15.03 -10.23 9.59
N PRO B 34 15.25 -11.52 9.56
CA PRO B 34 15.58 -12.21 8.33
C PRO B 34 14.43 -12.33 7.37
N THR B 35 14.69 -12.19 6.09
CA THR B 35 13.63 -12.03 5.11
C THR B 35 13.27 -13.33 4.53
N ILE B 36 11.98 -13.55 4.26
CA ILE B 36 11.56 -14.62 3.40
C ILE B 36 11.48 -14.18 1.94
N GLU B 37 10.61 -13.19 1.64
CA GLU B 37 10.50 -12.62 0.33
C GLU B 37 9.56 -11.39 0.46
N ASP B 38 10.10 -10.17 0.34
CA ASP B 38 9.31 -8.92 0.39
C ASP B 38 9.37 -8.25 -0.98
N SER B 39 8.31 -7.63 -1.38
CA SER B 39 8.29 -6.90 -2.66
C SER B 39 7.76 -5.50 -2.35
N TYR B 40 8.47 -4.48 -2.83
CA TYR B 40 8.14 -3.09 -2.56
C TYR B 40 7.86 -2.39 -3.87
N ARG B 41 7.02 -1.37 -3.83
CA ARG B 41 6.74 -0.56 -5.03
C ARG B 41 7.09 0.91 -4.70
N LYS B 42 7.71 1.63 -5.66
CA LYS B 42 8.06 3.05 -5.44
C LYS B 42 8.13 3.74 -6.83
N GLN B 43 7.44 4.85 -6.99
CA GLN B 43 7.64 5.76 -8.14
C GLN B 43 8.79 6.66 -7.85
N VAL B 44 9.71 6.83 -8.83
CA VAL B 44 10.85 7.66 -8.67
C VAL B 44 11.11 8.50 -9.98
N GLU B 45 11.93 9.54 -9.88
CA GLU B 45 12.39 10.27 -11.07
C GLU B 45 13.82 9.91 -11.38
N VAL B 46 14.04 9.34 -12.55
CA VAL B 46 15.40 9.06 -13.01
C VAL B 46 15.72 9.73 -14.36
N ASP B 47 16.89 10.40 -14.42
CA ASP B 47 17.34 11.13 -15.62
C ASP B 47 16.09 11.83 -16.15
N ALA B 48 15.42 12.60 -15.27
CA ALA B 48 14.26 13.42 -15.68
C ALA B 48 13.02 12.67 -16.28
N GLN B 49 12.82 11.41 -15.94
CA GLN B 49 11.50 10.75 -16.19
C GLN B 49 11.05 9.89 -14.96
N GLN B 50 9.73 9.65 -14.93
CA GLN B 50 9.05 8.97 -13.86
C GLN B 50 9.14 7.45 -14.11
N CYS B 51 9.57 6.70 -13.10
CA CYS B 51 9.80 5.27 -13.23
C CYS B 51 9.07 4.57 -12.03
N MET B 52 8.30 3.50 -12.29
CA MET B 52 7.68 2.67 -11.22
C MET B 52 8.52 1.42 -10.97
N LEU B 53 9.09 1.37 -9.76
CA LEU B 53 10.04 0.38 -9.44
C LEU B 53 9.28 -0.65 -8.67
N GLU B 54 9.49 -1.90 -9.04
CA GLU B 54 9.12 -3.04 -8.16
C GLU B 54 10.40 -3.72 -7.71
N ILE B 55 10.67 -3.69 -6.41
CA ILE B 55 11.93 -4.14 -5.85
C ILE B 55 11.68 -5.39 -4.98
N LEU B 56 12.35 -6.49 -5.36
CA LEU B 56 12.26 -7.76 -4.65
C LEU B 56 13.40 -7.88 -3.72
N ASP B 57 13.08 -7.95 -2.45
CA ASP B 57 14.01 -8.06 -1.36
C ASP B 57 13.98 -9.54 -0.98
N THR B 58 15.13 -10.19 -1.15
CA THR B 58 15.23 -11.66 -1.14
C THR B 58 15.85 -12.19 0.16
N ALA B 59 15.65 -13.49 0.37
CA ALA B 59 16.25 -14.14 1.52
C ALA B 59 17.80 -14.24 1.32
N GLY B 60 18.60 -14.09 2.37
CA GLY B 60 20.01 -14.30 2.22
C GLY B 60 20.47 -15.72 1.79
N THR B 61 19.66 -16.76 2.06
CA THR B 61 19.93 -18.16 1.59
C THR B 61 18.73 -18.72 0.78
N GLU B 62 19.02 -19.76 -0.03
CA GLU B 62 18.01 -20.63 -0.66
C GLU B 62 17.77 -21.77 0.33
N ALA B 66 15.29 -21.80 -2.71
CA ALA B 66 15.03 -22.51 -3.95
C ALA B 66 14.33 -21.69 -5.07
N MET B 67 13.97 -20.42 -4.84
CA MET B 67 13.36 -19.58 -5.91
C MET B 67 14.30 -18.54 -6.56
N ARG B 68 15.60 -18.61 -6.28
CA ARG B 68 16.59 -17.69 -6.90
C ARG B 68 16.49 -17.69 -8.43
N ASP B 69 16.32 -18.87 -9.01
CA ASP B 69 16.35 -19.01 -10.47
C ASP B 69 15.18 -18.27 -11.14
N LEU B 70 14.03 -18.29 -10.46
CA LEU B 70 12.81 -17.59 -10.89
C LEU B 70 12.99 -16.06 -10.75
N TYR B 71 13.66 -15.60 -9.70
CA TYR B 71 13.90 -14.14 -9.49
C TYR B 71 14.73 -13.56 -10.60
N MET B 72 15.71 -14.37 -11.01
CA MET B 72 16.65 -13.98 -12.03
C MET B 72 16.01 -14.00 -13.39
N LYS B 73 15.22 -15.03 -13.62
CA LYS B 73 14.46 -15.14 -14.85
C LYS B 73 13.63 -13.84 -15.05
N ASN B 74 13.00 -13.40 -13.97
CA ASN B 74 11.98 -12.38 -14.02
C ASN B 74 12.54 -10.97 -13.92
N GLY B 75 13.66 -10.83 -13.21
CA GLY B 75 14.19 -9.51 -12.86
C GLY B 75 14.84 -8.84 -14.05
N GLN B 76 14.82 -7.51 -14.08
CA GLN B 76 15.48 -6.77 -15.17
C GLN B 76 16.83 -6.22 -14.72
N GLY B 77 16.96 -5.96 -13.43
CA GLY B 77 18.16 -5.45 -12.91
C GLY B 77 18.44 -5.95 -11.55
N PHE B 78 19.71 -6.15 -11.26
CA PHE B 78 20.19 -6.81 -10.03
C PHE B 78 21.21 -6.02 -9.26
N ALA B 79 20.94 -5.87 -7.96
CA ALA B 79 21.84 -5.26 -7.00
C ALA B 79 22.41 -6.36 -6.25
N LEU B 80 23.73 -6.50 -6.37
CA LEU B 80 24.48 -7.51 -5.65
C LEU B 80 25.21 -6.94 -4.44
N VAL B 81 24.75 -7.24 -3.23
CA VAL B 81 25.17 -6.52 -2.01
C VAL B 81 25.97 -7.42 -1.12
N TYR B 82 27.08 -6.89 -0.63
CA TYR B 82 27.90 -7.50 0.39
C TYR B 82 28.10 -6.42 1.42
N SER B 83 28.63 -6.86 2.55
CA SER B 83 29.00 -5.97 3.66
C SER B 83 30.49 -5.82 3.73
N ILE B 84 30.95 -4.56 3.83
CA ILE B 84 32.37 -4.22 3.89
C ILE B 84 32.93 -4.78 5.18
N THR B 85 32.03 -5.10 6.09
CA THR B 85 32.31 -5.63 7.41
C THR B 85 32.55 -7.15 7.45
N ALA B 86 32.31 -7.87 6.34
CA ALA B 86 32.27 -9.38 6.39
C ALA B 86 32.73 -10.07 5.09
N GLN B 87 33.92 -10.68 5.11
CA GLN B 87 34.59 -11.08 3.85
C GLN B 87 33.78 -12.14 3.14
N SER B 88 33.20 -13.04 3.92
CA SER B 88 32.43 -14.17 3.43
C SER B 88 31.32 -13.71 2.45
N THR B 89 30.67 -12.63 2.86
CA THR B 89 29.56 -12.04 2.10
C THR B 89 30.06 -11.52 0.76
N PHE B 90 31.23 -10.89 0.77
CA PHE B 90 31.92 -10.55 -0.45
C PHE B 90 32.30 -11.75 -1.36
N ASN B 91 32.86 -12.79 -0.75
CA ASN B 91 33.25 -13.99 -1.52
C ASN B 91 32.06 -14.69 -2.19
N ASP B 92 30.92 -14.68 -1.50
CA ASP B 92 29.69 -15.27 -2.02
C ASP B 92 29.20 -14.69 -3.35
N LEU B 93 29.62 -13.48 -3.69
CA LEU B 93 29.03 -12.79 -4.83
C LEU B 93 29.37 -13.36 -6.22
N GLN B 94 30.58 -13.86 -6.38
CA GLN B 94 31.03 -14.43 -7.67
C GLN B 94 30.01 -15.40 -8.30
N ASP B 95 29.53 -16.33 -7.47
CA ASP B 95 28.57 -17.34 -7.92
C ASP B 95 27.22 -16.79 -8.34
N LEU B 96 26.69 -15.83 -7.56
CA LEU B 96 25.47 -15.12 -7.94
C LEU B 96 25.58 -14.51 -9.29
N ARG B 97 26.62 -13.74 -9.50
CA ARG B 97 26.91 -13.16 -10.81
C ARG B 97 26.83 -14.20 -11.91
N GLU B 98 27.54 -15.30 -11.73
CA GLU B 98 27.58 -16.40 -12.70
C GLU B 98 26.21 -17.06 -12.90
N GLN B 99 25.52 -17.26 -11.79
CA GLN B 99 24.18 -17.77 -11.82
C GLN B 99 23.26 -16.87 -12.67
N ILE B 100 23.30 -15.56 -12.40
CA ILE B 100 22.51 -14.62 -13.21
C ILE B 100 22.84 -14.79 -14.70
N LEU B 101 24.12 -14.86 -15.03
CA LEU B 101 24.55 -14.93 -16.45
C LEU B 101 23.99 -16.23 -17.12
N ARG B 102 24.06 -17.33 -16.38
CA ARG B 102 23.43 -18.61 -16.77
C ARG B 102 21.94 -18.45 -17.09
N VAL B 103 21.12 -18.04 -16.11
CA VAL B 103 19.68 -17.85 -16.38
C VAL B 103 19.35 -16.93 -17.55
N LYS B 104 20.00 -15.78 -17.58
CA LYS B 104 19.82 -14.82 -18.70
C LYS B 104 20.52 -15.23 -19.99
N ASP B 105 21.38 -16.22 -19.91
CA ASP B 105 22.10 -16.70 -21.05
C ASP B 105 22.84 -15.55 -21.75
N THR B 106 23.22 -14.54 -20.97
CA THR B 106 23.98 -13.47 -21.49
C THR B 106 24.77 -12.77 -20.42
N ASP B 107 25.76 -12.07 -20.92
CA ASP B 107 26.66 -11.19 -20.21
C ASP B 107 26.04 -9.80 -20.02
N ASP B 108 25.08 -9.48 -20.86
CA ASP B 108 24.60 -8.10 -20.98
C ASP B 108 23.35 -7.95 -20.06
N VAL B 109 23.60 -7.75 -18.75
CA VAL B 109 22.52 -7.75 -17.73
C VAL B 109 22.67 -6.54 -16.78
N PRO B 110 21.62 -5.74 -16.64
CA PRO B 110 21.82 -4.61 -15.70
C PRO B 110 22.14 -5.12 -14.30
N MET B 111 23.25 -4.63 -13.73
CA MET B 111 23.77 -5.08 -12.47
C MET B 111 24.56 -4.01 -11.79
N ILE B 112 24.63 -4.09 -10.45
CA ILE B 112 25.46 -3.19 -9.67
C ILE B 112 25.94 -3.89 -8.45
N LEU B 113 27.23 -3.70 -8.14
CA LEU B 113 27.89 -4.29 -7.02
C LEU B 113 27.86 -3.22 -5.95
N VAL B 114 27.44 -3.63 -4.74
CA VAL B 114 27.18 -2.70 -3.66
C VAL B 114 27.84 -3.21 -2.44
N GLY B 115 28.75 -2.41 -1.95
CA GLY B 115 29.38 -2.72 -0.67
C GLY B 115 28.72 -1.85 0.40
N ASN B 116 27.86 -2.46 1.17
CA ASN B 116 27.06 -1.73 2.16
C ASN B 116 27.74 -1.64 3.52
N LYS B 117 27.12 -0.86 4.42
CA LYS B 117 27.59 -0.60 5.76
C LYS B 117 28.87 0.26 5.72
N CYS B 118 28.99 1.18 4.76
CA CYS B 118 30.23 2.02 4.69
C CYS B 118 30.31 3.07 5.79
N ASP B 119 29.24 3.29 6.51
CA ASP B 119 29.33 4.02 7.78
C ASP B 119 30.24 3.34 8.84
N LEU B 120 30.50 2.03 8.72
CA LEU B 120 31.16 1.23 9.78
C LEU B 120 32.67 1.11 9.47
N GLU B 121 33.32 2.27 9.31
CA GLU B 121 34.70 2.31 8.80
C GLU B 121 35.68 1.43 9.62
N ASP B 122 35.56 1.50 10.95
CA ASP B 122 36.44 0.76 11.84
C ASP B 122 36.15 -0.71 11.93
N GLU B 123 35.05 -1.16 11.32
CA GLU B 123 34.85 -2.60 11.19
C GLU B 123 35.18 -3.09 9.80
N ARG B 124 35.76 -2.24 8.97
CA ARG B 124 35.99 -2.60 7.56
C ARG B 124 36.94 -3.78 7.37
N VAL B 125 36.46 -4.85 6.74
CA VAL B 125 37.31 -5.94 6.33
C VAL B 125 37.44 -5.98 4.79
N VAL B 126 36.44 -5.50 4.07
CA VAL B 126 36.57 -5.47 2.61
C VAL B 126 36.97 -4.08 2.15
N GLY B 127 38.18 -3.92 1.62
CA GLY B 127 38.61 -2.61 1.10
C GLY B 127 37.92 -2.20 -0.20
N LYS B 128 37.83 -0.89 -0.44
CA LYS B 128 37.18 -0.37 -1.64
C LYS B 128 37.82 -1.01 -2.89
N GLU B 129 39.12 -1.17 -2.81
CA GLU B 129 39.90 -1.67 -3.91
C GLU B 129 39.37 -3.03 -4.37
N GLN B 130 39.13 -3.93 -3.40
CA GLN B 130 38.69 -5.28 -3.72
C GLN B 130 37.35 -5.21 -4.42
N GLY B 131 36.59 -4.18 -4.05
CA GLY B 131 35.28 -3.96 -4.60
C GLY B 131 35.40 -3.44 -5.99
N GLN B 132 36.14 -2.34 -6.21
CA GLN B 132 36.40 -1.81 -7.57
C GLN B 132 36.98 -2.91 -8.47
N ASN B 133 37.84 -3.74 -7.87
CA ASN B 133 38.57 -4.73 -8.61
C ASN B 133 37.62 -5.76 -9.19
N LEU B 134 36.72 -6.22 -8.33
CA LEU B 134 35.76 -7.25 -8.68
C LEU B 134 34.85 -6.70 -9.77
N ALA B 135 34.43 -5.43 -9.67
CA ALA B 135 33.54 -4.80 -10.67
C ALA B 135 34.21 -4.70 -12.02
N ARG B 136 35.48 -4.28 -12.00
CA ARG B 136 36.36 -4.32 -13.19
C ARG B 136 36.28 -5.66 -13.86
N GLN B 137 36.55 -6.71 -13.07
CA GLN B 137 36.48 -8.09 -13.57
C GLN B 137 35.15 -8.49 -14.16
N TRP B 138 34.06 -7.95 -13.62
CA TRP B 138 32.74 -8.29 -14.12
C TRP B 138 32.43 -7.42 -15.29
N ASN B 139 33.31 -7.44 -16.29
CA ASN B 139 33.02 -6.78 -17.54
C ASN B 139 32.80 -5.29 -17.25
N ASN B 140 33.57 -4.73 -16.31
CA ASN B 140 33.45 -3.32 -15.90
C ASN B 140 32.09 -2.93 -15.28
N CYS B 141 31.59 -3.78 -14.40
CA CYS B 141 30.29 -3.61 -13.73
C CYS B 141 30.18 -2.31 -12.92
N ALA B 142 28.98 -1.70 -12.83
CA ALA B 142 28.80 -0.53 -11.96
C ALA B 142 29.12 -0.89 -10.50
N PHE B 143 29.63 0.09 -9.75
CA PHE B 143 30.04 -0.16 -8.36
C PHE B 143 29.87 1.04 -7.43
N LEU B 144 29.34 0.79 -6.23
CA LEU B 144 29.19 1.82 -5.21
C LEU B 144 29.38 1.23 -3.86
N GLU B 145 29.83 2.08 -2.93
CA GLU B 145 29.68 1.83 -1.49
C GLU B 145 28.53 2.68 -0.95
N SER B 146 27.75 2.06 -0.09
CA SER B 146 26.51 2.63 0.42
C SER B 146 26.43 2.47 1.94
N SER B 147 25.54 3.25 2.55
CA SER B 147 25.11 2.96 3.92
C SER B 147 23.59 3.16 4.01
N ALA B 148 22.87 2.14 4.47
CA ALA B 148 21.45 2.31 4.68
C ALA B 148 21.25 3.26 5.88
N LYS B 149 22.20 3.25 6.78
CA LYS B 149 22.06 3.96 8.03
C LYS B 149 22.23 5.44 7.87
N SER B 150 23.17 5.86 7.01
CA SER B 150 23.43 7.29 6.79
C SER B 150 22.88 7.78 5.46
N LYS B 151 22.36 6.87 4.65
CA LYS B 151 21.76 7.23 3.36
C LYS B 151 22.72 7.55 2.22
N ILE B 152 24.00 7.21 2.39
CA ILE B 152 25.00 7.43 1.36
C ILE B 152 24.73 6.47 0.22
N ASN B 153 24.49 7.01 -0.97
CA ASN B 153 24.43 6.19 -2.20
C ASN B 153 23.24 5.19 -2.24
N VAL B 154 22.23 5.43 -1.43
CA VAL B 154 21.11 4.53 -1.41
C VAL B 154 20.25 4.69 -2.64
N ASN B 155 19.83 5.92 -3.00
CA ASN B 155 19.01 6.09 -4.20
C ASN B 155 19.75 5.71 -5.47
N GLU B 156 21.04 5.92 -5.47
CA GLU B 156 21.84 5.80 -6.67
C GLU B 156 21.91 4.31 -7.08
N ILE B 157 21.88 3.41 -6.09
CA ILE B 157 21.87 1.97 -6.41
C ILE B 157 20.75 1.69 -7.37
N PHE B 158 19.53 2.18 -7.05
CA PHE B 158 18.30 1.91 -7.80
C PHE B 158 18.18 2.78 -9.09
N TYR B 159 18.47 4.07 -8.98
CA TYR B 159 18.50 4.89 -10.20
C TYR B 159 19.48 4.34 -11.27
N ASP B 160 20.67 3.97 -10.83
CA ASP B 160 21.65 3.43 -11.75
C ASP B 160 21.18 2.18 -12.42
N LEU B 161 20.39 1.32 -11.73
CA LEU B 161 19.85 0.12 -12.41
C LEU B 161 18.80 0.55 -13.38
N VAL B 162 18.11 1.62 -13.09
CA VAL B 162 17.06 2.03 -14.04
C VAL B 162 17.75 2.53 -15.38
N ARG B 163 18.82 3.29 -15.25
CA ARG B 163 19.57 3.83 -16.43
C ARG B 163 20.23 2.67 -17.18
N GLN B 164 20.79 1.74 -16.43
CA GLN B 164 21.24 0.50 -17.10
C GLN B 164 20.16 -0.20 -17.88
N ILE B 165 18.96 -0.30 -17.34
CA ILE B 165 17.88 -1.01 -18.01
C ILE B 165 17.49 -0.22 -19.27
N ASN B 166 17.55 1.10 -19.15
CA ASN B 166 17.23 2.07 -20.24
C ASN B 166 18.33 2.13 -21.37
N ARG B 167 19.51 1.57 -21.13
CA ARG B 167 20.55 1.51 -22.14
C ARG B 167 19.85 0.97 -23.43
N ARG C 22 -15.87 -19.03 11.47
CA ARG C 22 -16.29 -19.51 10.12
C ARG C 22 -16.90 -18.36 9.30
N ARG C 23 -17.91 -17.67 9.85
CA ARG C 23 -18.57 -16.60 9.11
C ARG C 23 -18.68 -15.25 9.86
N ASP C 24 -18.04 -15.11 11.01
CA ASP C 24 -18.05 -13.86 11.85
C ASP C 24 -16.91 -12.82 11.51
N TYR C 25 -17.15 -11.83 10.65
CA TYR C 25 -16.00 -10.98 10.23
C TYR C 25 -16.09 -9.66 11.02
N PHE C 26 -15.12 -8.77 10.80
CA PHE C 26 -14.98 -7.54 11.54
C PHE C 26 -14.92 -7.86 13.09
#